data_8K2J
#
_entry.id   8K2J
#
_cell.length_a   53.379
_cell.length_b   53.379
_cell.length_c   427.352
_cell.angle_alpha   90.00
_cell.angle_beta   90.00
_cell.angle_gamma   90.00
#
_symmetry.space_group_name_H-M   'P 43 21 2'
#
loop_
_entity.id
_entity.type
_entity.pdbx_description
1 polymer 'Oligosaccharide/Monosaccharide-releasing beta-N-acetylgalactosaminidase'
2 non-polymer 'SULFATE ION'
3 water water
#
_entity_poly.entity_id   1
_entity_poly.type   'polypeptide(L)'
_entity_poly.pdbx_seq_one_letter_code
;GPGKEDRILKVWTVDPLVKVFRDSEPVTTGQALAEVARGERATLQIVIRCAKPIQELHAKVGPLALGSNAKQVLESAPVR
FVGYVPVDRPIPRPPKDQLRRPPADFPDPLLEEKTIAVDENQVQPIWVTVAVPTNTQPGLYQGSVHISGRVDGRQITTKV
PVAIKVFDIEVGQSRLWVTNWFSMQSRHMKIAPEPDSQQYWALLSRYARNMSEHRQNVVLVSPLSLATFQLDKSSRMEVD
FSRFDRWVRIFIAEGVIGRIEGGHLGGRSSDWESPFVVRIKELREGNIITKSVAPTSEEANQFYAQFLPALVNHLRDRGW
LEKYAQHLADEPVRTNIESYRAISKLVRKYAPELKIIEACHTKDLAGAIDVWVPQLNFLHNDFEHYQKRQRAGDEVWFYT
CIYPQGEYANRFIEQPLLKTRLLHWINYRYGMTGYLHWGYNQWGKDSPFTHTTKQHTGQQYLPAGDPWIVYPGRDGPLDS
IRHEAMCDGIADYELLSMLGERDPEAAKRLVNRHVLDFDRYNCNVEAFRATRLELLELLSRQ
;
_entity_poly.pdbx_strand_id   A
#
loop_
_chem_comp.id
_chem_comp.type
_chem_comp.name
_chem_comp.formula
SO4 non-polymer 'SULFATE ION' 'O4 S -2'
#
# COMPACT_ATOMS: atom_id res chain seq x y z
N LYS A 4 -17.96 40.28 13.18
CA LYS A 4 -18.51 39.55 12.00
C LYS A 4 -17.78 40.07 10.77
N GLU A 5 -17.47 39.15 9.84
CA GLU A 5 -16.63 39.41 8.67
C GLU A 5 -15.33 38.63 8.87
N ASP A 6 -14.64 38.89 9.99
CA ASP A 6 -13.43 38.15 10.36
C ASP A 6 -13.77 36.74 10.88
N ARG A 7 -15.04 36.54 11.27
CA ARG A 7 -15.56 35.25 11.65
C ARG A 7 -16.18 34.44 10.51
N ILE A 8 -16.24 34.95 9.26
CA ILE A 8 -16.87 34.18 8.20
C ILE A 8 -15.94 32.99 7.87
N LEU A 9 -16.53 31.82 7.74
CA LEU A 9 -15.79 30.62 7.38
C LEU A 9 -15.73 30.54 5.86
N LYS A 10 -14.53 30.55 5.25
CA LYS A 10 -14.35 30.29 3.82
C LYS A 10 -14.37 28.77 3.55
N VAL A 11 -15.22 28.27 2.66
CA VAL A 11 -15.40 26.85 2.42
C VAL A 11 -15.29 26.62 0.91
N TRP A 12 -14.51 25.59 0.50
CA TRP A 12 -14.53 25.17 -0.88
C TRP A 12 -14.22 23.68 -1.00
N THR A 13 -14.49 23.15 -2.19
CA THR A 13 -14.30 21.73 -2.45
C THR A 13 -13.10 21.58 -3.41
N VAL A 14 -12.23 20.58 -3.15
CA VAL A 14 -11.04 20.39 -3.98
C VAL A 14 -10.99 18.91 -4.39
N ASP A 15 -10.65 18.61 -5.64
CA ASP A 15 -10.55 17.21 -6.05
C ASP A 15 -9.61 16.45 -5.09
N PRO A 16 -9.95 15.24 -4.61
CA PRO A 16 -9.05 14.56 -3.66
C PRO A 16 -7.69 14.07 -4.17
N LEU A 17 -7.47 14.16 -5.49
CA LEU A 17 -6.17 13.93 -6.12
C LEU A 17 -5.29 15.17 -6.11
N VAL A 18 -5.82 16.28 -5.59
CA VAL A 18 -5.03 17.49 -5.47
C VAL A 18 -4.62 17.66 -4.00
N LYS A 19 -3.31 17.80 -3.76
CA LYS A 19 -2.79 18.00 -2.40
C LYS A 19 -3.00 19.48 -2.02
N VAL A 20 -3.60 19.69 -0.84
CA VAL A 20 -3.91 21.02 -0.34
C VAL A 20 -2.92 21.39 0.77
N PHE A 21 -2.28 22.56 0.64
CA PHE A 21 -1.30 23.05 1.59
C PHE A 21 -1.95 24.10 2.51
N ARG A 22 -1.28 24.37 3.63
CA ARG A 22 -1.75 25.33 4.63
C ARG A 22 -1.94 26.74 4.03
N ASP A 23 -1.25 27.06 2.93
CA ASP A 23 -1.37 28.36 2.26
C ASP A 23 -1.96 28.23 0.85
N SER A 24 -2.70 27.16 0.55
CA SER A 24 -3.30 27.04 -0.78
C SER A 24 -4.37 28.14 -0.95
N GLU A 25 -4.62 28.59 -2.18
CA GLU A 25 -5.71 29.54 -2.41
C GLU A 25 -7.00 28.78 -2.72
N PRO A 26 -8.19 29.38 -2.40
CA PRO A 26 -9.51 28.75 -2.68
C PRO A 26 -9.80 28.48 -4.16
N VAL A 27 -10.72 27.53 -4.49
CA VAL A 27 -11.11 27.22 -5.87
C VAL A 27 -12.50 27.82 -6.18
N ALA A 32 -18.93 19.43 -4.44
CA ALA A 32 -18.19 18.12 -4.32
C ALA A 32 -18.97 16.96 -4.96
N LEU A 33 -18.49 16.46 -6.12
CA LEU A 33 -19.03 15.29 -6.79
C LEU A 33 -17.96 14.18 -6.95
N ALA A 34 -18.43 12.97 -6.66
CA ALA A 34 -17.65 11.76 -6.92
C ALA A 34 -18.41 10.84 -7.86
N GLU A 35 -17.66 10.13 -8.70
CA GLU A 35 -18.20 9.26 -9.72
C GLU A 35 -17.51 7.89 -9.55
N VAL A 36 -18.31 6.86 -9.24
CA VAL A 36 -17.77 5.55 -8.80
C VAL A 36 -18.64 4.42 -9.32
N ALA A 37 -18.01 3.24 -9.47
CA ALA A 37 -18.71 1.98 -9.59
C ALA A 37 -19.14 1.46 -8.23
N ARG A 38 -20.09 0.53 -8.26
CA ARG A 38 -20.49 -0.15 -7.05
C ARG A 38 -19.28 -1.02 -6.64
N GLY A 39 -18.89 -0.97 -5.38
CA GLY A 39 -17.68 -1.71 -4.98
C GLY A 39 -16.51 -0.78 -4.71
N GLU A 40 -16.56 0.48 -5.22
CA GLU A 40 -15.46 1.43 -5.04
C GLU A 40 -15.67 2.30 -3.80
N ARG A 41 -14.61 3.04 -3.44
CA ARG A 41 -14.63 4.05 -2.41
C ARG A 41 -14.72 5.44 -3.10
N ALA A 42 -15.70 6.21 -2.62
CA ALA A 42 -15.85 7.63 -2.97
C ALA A 42 -15.16 8.50 -1.92
N THR A 43 -14.38 9.49 -2.35
CA THR A 43 -13.74 10.41 -1.47
C THR A 43 -14.25 11.82 -1.85
N LEU A 44 -14.51 12.66 -0.84
CA LEU A 44 -14.82 14.09 -1.00
C LEU A 44 -13.85 14.84 -0.10
N GLN A 45 -13.22 15.90 -0.64
CA GLN A 45 -12.34 16.74 0.12
C GLN A 45 -12.92 18.17 0.23
N ILE A 46 -13.24 18.57 1.44
CA ILE A 46 -13.87 19.87 1.72
C ILE A 46 -12.84 20.68 2.48
N VAL A 47 -12.61 21.92 2.07
CA VAL A 47 -11.50 22.68 2.64
C VAL A 47 -12.04 23.96 3.28
N ILE A 48 -11.55 24.29 4.47
CA ILE A 48 -12.01 25.51 5.16
C ILE A 48 -10.82 26.42 5.51
N ARG A 49 -11.09 27.75 5.70
CA ARG A 49 -10.10 28.69 6.19
C ARG A 49 -10.85 29.80 6.96
N CYS A 50 -10.26 30.40 7.97
CA CYS A 50 -10.99 31.44 8.71
C CYS A 50 -9.96 32.44 9.18
N ALA A 51 -10.33 33.76 9.17
CA ALA A 51 -9.33 34.77 9.50
C ALA A 51 -9.02 34.71 10.99
N LYS A 52 -9.88 34.09 11.79
CA LYS A 52 -9.65 33.94 13.23
C LYS A 52 -9.43 32.46 13.58
N PRO A 53 -8.87 32.15 14.77
CA PRO A 53 -8.71 30.76 15.20
C PRO A 53 -10.08 30.10 15.33
N ILE A 54 -10.14 28.80 15.04
CA ILE A 54 -11.32 27.99 15.20
C ILE A 54 -11.04 26.98 16.30
N GLN A 55 -11.99 26.81 17.23
CA GLN A 55 -11.91 25.74 18.23
C GLN A 55 -13.03 24.75 17.94
N GLU A 56 -12.79 23.45 18.21
CA GLU A 56 -13.81 22.42 18.12
C GLU A 56 -14.39 22.22 16.70
N LEU A 57 -13.55 22.34 15.64
CA LEU A 57 -14.02 22.08 14.28
C LEU A 57 -14.48 20.62 14.22
N HIS A 58 -15.68 20.45 13.66
CA HIS A 58 -16.39 19.19 13.53
C HIS A 58 -17.14 19.17 12.22
N ALA A 59 -17.26 17.98 11.58
CA ALA A 59 -18.06 17.78 10.40
C ALA A 59 -18.89 16.51 10.55
N LYS A 60 -20.15 16.59 10.15
CA LYS A 60 -21.07 15.46 10.16
C LYS A 60 -21.65 15.33 8.75
N VAL A 61 -21.57 14.11 8.21
CA VAL A 61 -22.17 13.78 6.93
C VAL A 61 -23.62 13.40 7.16
N GLY A 62 -24.53 14.20 6.55
CA GLY A 62 -25.95 13.90 6.63
C GLY A 62 -26.29 12.70 5.76
N PRO A 63 -27.56 12.28 5.72
CA PRO A 63 -27.96 11.20 4.83
C PRO A 63 -27.64 11.49 3.36
N LEU A 64 -26.99 10.54 2.70
CA LEU A 64 -26.72 10.59 1.28
C LEU A 64 -27.66 9.65 0.58
N ALA A 65 -28.72 10.23 -0.03
CA ALA A 65 -29.91 9.50 -0.43
C ALA A 65 -30.13 9.60 -1.94
N LEU A 66 -30.75 8.55 -2.48
CA LEU A 66 -31.20 8.46 -3.85
C LEU A 66 -32.40 9.37 -4.08
N GLY A 67 -32.40 10.17 -5.15
CA GLY A 67 -33.51 11.10 -5.39
C GLY A 67 -34.82 10.36 -5.71
N SER A 68 -34.73 9.17 -6.31
CA SER A 68 -35.90 8.35 -6.55
C SER A 68 -36.39 7.60 -5.30
N ASN A 69 -35.70 7.70 -4.14
CA ASN A 69 -36.03 6.88 -2.98
C ASN A 69 -35.16 7.24 -1.79
N ALA A 70 -35.61 8.18 -0.97
CA ALA A 70 -34.88 8.66 0.19
C ALA A 70 -34.54 7.59 1.21
N LYS A 71 -35.14 6.38 1.04
CA LYS A 71 -34.86 5.18 1.81
C LYS A 71 -33.50 4.56 1.45
N GLN A 72 -33.07 4.66 0.18
CA GLN A 72 -31.80 4.11 -0.29
C GLN A 72 -30.72 5.12 0.03
N VAL A 73 -29.86 4.80 1.03
CA VAL A 73 -28.86 5.69 1.57
C VAL A 73 -27.49 4.97 1.49
N LEU A 74 -26.44 5.75 1.26
CA LEU A 74 -25.07 5.24 1.41
C LEU A 74 -24.61 5.43 2.83
N GLU A 75 -23.71 4.55 3.29
CA GLU A 75 -23.16 4.65 4.63
C GLU A 75 -21.77 5.30 4.53
N SER A 76 -21.60 6.43 5.20
CA SER A 76 -20.32 7.15 5.27
C SER A 76 -19.51 6.72 6.49
N ALA A 77 -18.19 6.68 6.31
CA ALA A 77 -17.28 6.42 7.40
C ALA A 77 -17.18 7.70 8.25
N PRO A 78 -16.61 7.59 9.48
CA PRO A 78 -16.32 8.80 10.29
C PRO A 78 -15.44 9.75 9.48
N VAL A 79 -15.72 11.06 9.59
CA VAL A 79 -14.95 12.08 8.90
C VAL A 79 -13.53 12.17 9.49
N ARG A 80 -12.55 12.40 8.62
CA ARG A 80 -11.17 12.54 9.06
C ARG A 80 -10.62 13.91 8.62
N PHE A 81 -9.62 14.39 9.32
CA PHE A 81 -8.99 15.65 9.02
C PHE A 81 -7.63 15.34 8.41
N VAL A 82 -7.26 16.11 7.36
CA VAL A 82 -5.92 15.99 6.79
C VAL A 82 -4.91 16.59 7.73
N GLY A 83 -3.87 15.78 8.05
CA GLY A 83 -2.78 16.22 8.87
C GLY A 83 -1.58 16.60 8.02
N TYR A 84 -0.72 17.48 8.57
CA TYR A 84 0.49 18.00 7.92
C TYR A 84 1.74 17.47 8.58
N VAL A 85 2.77 17.17 7.75
CA VAL A 85 4.07 16.70 8.22
C VAL A 85 5.21 17.50 7.56
N PRO A 86 6.28 17.83 8.33
CA PRO A 86 7.40 18.65 7.83
C PRO A 86 8.34 17.81 6.98
N VAL A 87 8.30 18.03 5.66
CA VAL A 87 9.27 17.37 4.79
C VAL A 87 10.49 18.27 4.70
N ASP A 88 11.53 17.85 5.38
CA ASP A 88 12.67 18.72 5.69
C ASP A 88 13.74 18.65 4.59
N ARG A 89 13.81 17.52 3.92
CA ARG A 89 14.83 17.27 2.89
C ARG A 89 14.16 16.55 1.74
N PRO A 90 14.62 16.76 0.48
CA PRO A 90 13.86 16.38 -0.71
C PRO A 90 14.23 15.01 -1.27
N ILE A 91 13.49 14.59 -2.30
CA ILE A 91 13.95 13.51 -3.20
C ILE A 91 15.25 14.00 -3.87
N PRO A 92 16.39 13.31 -3.75
CA PRO A 92 17.66 13.86 -4.33
C PRO A 92 17.69 14.08 -5.82
N ARG A 93 16.95 13.24 -6.57
CA ARG A 93 16.71 13.41 -8.00
C ARG A 93 15.20 13.65 -8.16
N PRO A 94 14.66 14.89 -7.97
CA PRO A 94 13.22 15.09 -7.99
C PRO A 94 12.58 15.11 -9.35
N PRO A 95 11.28 14.86 -9.44
CA PRO A 95 10.59 15.03 -10.69
C PRO A 95 10.40 16.53 -10.95
N LYS A 96 10.18 16.87 -12.24
CA LYS A 96 9.81 18.22 -12.64
C LYS A 96 8.53 18.69 -11.97
N ASP A 97 7.59 17.75 -11.71
CA ASP A 97 6.28 18.12 -11.15
C ASP A 97 6.23 18.02 -9.61
N GLN A 98 7.41 18.03 -8.96
CA GLN A 98 7.56 18.07 -7.51
C GLN A 98 6.63 19.17 -6.98
N LEU A 99 5.75 18.87 -6.02
CA LEU A 99 4.65 19.82 -5.77
C LEU A 99 5.12 21.16 -5.15
N ARG A 100 6.06 21.12 -4.23
CA ARG A 100 6.78 22.23 -3.65
C ARG A 100 8.17 21.76 -3.29
N ARG A 101 9.07 22.74 -3.07
CA ARG A 101 10.43 22.43 -2.68
C ARG A 101 10.52 22.32 -1.18
N PRO A 102 11.06 21.20 -0.63
CA PRO A 102 11.44 21.17 0.77
C PRO A 102 12.50 22.22 1.09
N PRO A 103 12.56 22.68 2.37
CA PRO A 103 11.58 22.29 3.40
C PRO A 103 10.16 22.87 3.36
N ALA A 104 9.13 22.04 3.59
CA ALA A 104 7.77 22.51 3.63
C ALA A 104 6.87 21.54 4.38
N ASP A 105 5.69 22.02 4.82
CA ASP A 105 4.69 21.11 5.40
C ASP A 105 3.76 20.53 4.32
N PHE A 106 3.61 19.17 4.26
CA PHE A 106 2.82 18.53 3.23
C PHE A 106 1.65 17.85 3.93
N PRO A 107 0.46 17.80 3.28
CA PRO A 107 -0.67 16.99 3.71
C PRO A 107 -0.30 15.51 3.50
N ASP A 108 -0.64 14.62 4.46
CA ASP A 108 -0.41 13.17 4.25
C ASP A 108 -1.27 12.30 5.19
N PRO A 109 -1.02 12.27 6.52
CA PRO A 109 -1.85 11.46 7.42
C PRO A 109 -3.31 11.91 7.48
N LEU A 110 -4.21 10.92 7.61
CA LEU A 110 -5.63 11.18 7.81
C LEU A 110 -5.93 10.91 9.30
N LEU A 111 -6.07 12.01 10.04
CA LEU A 111 -6.22 11.94 11.51
C LEU A 111 -7.61 11.47 11.88
N GLU A 112 -7.73 10.81 13.04
CA GLU A 112 -9.05 10.28 13.39
C GLU A 112 -9.48 10.98 14.68
N GLU A 113 -9.86 12.24 14.58
CA GLU A 113 -10.19 13.05 15.75
C GLU A 113 -11.65 13.45 15.58
N LYS A 114 -12.39 13.54 16.69
CA LYS A 114 -13.78 14.00 16.64
C LYS A 114 -13.82 15.51 16.30
N THR A 115 -12.87 16.28 16.84
CA THR A 115 -12.72 17.71 16.68
C THR A 115 -11.25 18.07 16.70
N ILE A 116 -10.92 19.17 16.02
CA ILE A 116 -9.62 19.77 16.01
C ILE A 116 -9.70 21.29 16.15
N ALA A 117 -8.58 21.88 16.54
CA ALA A 117 -8.37 23.32 16.48
C ALA A 117 -7.76 23.69 15.13
N VAL A 118 -8.09 24.89 14.60
CA VAL A 118 -7.38 25.45 13.45
C VAL A 118 -6.87 26.86 13.81
N ASP A 119 -5.57 27.11 13.59
CA ASP A 119 -4.98 28.42 13.84
C ASP A 119 -5.46 29.38 12.76
N GLU A 120 -5.32 30.68 13.00
CA GLU A 120 -5.92 31.65 12.10
C GLU A 120 -5.23 31.58 10.73
N ASN A 121 -6.04 31.63 9.67
CA ASN A 121 -5.57 31.77 8.28
C ASN A 121 -4.96 30.47 7.73
N GLN A 122 -5.14 29.34 8.43
CA GLN A 122 -4.52 28.06 8.07
C GLN A 122 -5.60 27.25 7.36
N VAL A 123 -5.33 26.83 6.09
CA VAL A 123 -6.34 26.06 5.39
C VAL A 123 -6.30 24.63 5.97
N GLN A 124 -7.49 24.06 6.11
CA GLN A 124 -7.70 22.80 6.77
C GLN A 124 -8.63 21.95 5.92
N PRO A 125 -8.08 20.85 5.29
CA PRO A 125 -8.95 19.89 4.60
C PRO A 125 -9.63 18.92 5.58
N ILE A 126 -10.84 18.60 5.16
CA ILE A 126 -11.72 17.62 5.74
C ILE A 126 -11.93 16.53 4.71
N TRP A 127 -11.61 15.29 5.11
CA TRP A 127 -11.66 14.14 4.21
C TRP A 127 -12.83 13.19 4.54
N VAL A 128 -13.71 13.02 3.56
CA VAL A 128 -14.91 12.19 3.67
C VAL A 128 -14.76 10.95 2.78
N THR A 129 -14.88 9.77 3.41
CA THR A 129 -14.86 8.50 2.70
C THR A 129 -16.23 7.86 2.81
N VAL A 130 -16.75 7.46 1.64
CA VAL A 130 -17.91 6.63 1.49
C VAL A 130 -17.53 5.36 0.74
N ALA A 131 -17.51 4.23 1.47
CA ALA A 131 -17.30 2.94 0.82
C ALA A 131 -18.64 2.48 0.26
N VAL A 132 -18.70 2.23 -1.06
CA VAL A 132 -19.91 1.87 -1.77
C VAL A 132 -19.86 0.34 -1.96
N PRO A 133 -20.68 -0.45 -1.21
CA PRO A 133 -20.81 -1.91 -1.43
C PRO A 133 -21.26 -2.25 -2.84
N THR A 134 -20.94 -3.48 -3.30
CA THR A 134 -21.31 -3.96 -4.61
C THR A 134 -22.84 -4.05 -4.73
N ASN A 135 -23.59 -4.23 -3.63
CA ASN A 135 -25.02 -4.42 -3.79
C ASN A 135 -25.75 -3.06 -3.77
N THR A 136 -25.01 -1.94 -3.77
CA THR A 136 -25.65 -0.63 -3.82
C THR A 136 -26.48 -0.47 -5.08
N GLN A 137 -27.69 0.10 -4.97
CA GLN A 137 -28.49 0.45 -6.14
C GLN A 137 -27.82 1.59 -6.92
N PRO A 138 -27.67 1.49 -8.26
CA PRO A 138 -27.06 2.57 -9.03
C PRO A 138 -27.97 3.80 -9.02
N GLY A 139 -27.34 4.96 -9.16
CA GLY A 139 -28.09 6.23 -9.23
C GLY A 139 -27.31 7.38 -8.60
N LEU A 140 -27.99 8.54 -8.44
CA LEU A 140 -27.35 9.72 -7.94
C LEU A 140 -27.75 9.98 -6.49
N TYR A 141 -26.77 9.89 -5.61
CA TYR A 141 -26.95 10.06 -4.19
C TYR A 141 -26.56 11.49 -3.85
N GLN A 142 -27.38 12.17 -3.03
CA GLN A 142 -27.13 13.55 -2.63
C GLN A 142 -27.43 13.77 -1.15
N GLY A 143 -26.67 14.72 -0.59
CA GLY A 143 -26.81 15.23 0.76
C GLY A 143 -25.81 16.35 1.03
N SER A 144 -25.53 16.60 2.30
CA SER A 144 -24.64 17.64 2.71
C SER A 144 -23.79 17.20 3.89
N VAL A 145 -22.68 17.93 4.04
CA VAL A 145 -21.75 17.84 5.15
C VAL A 145 -21.97 19.09 5.99
N HIS A 146 -22.33 18.86 7.27
CA HIS A 146 -22.55 19.92 8.22
C HIS A 146 -21.26 20.20 8.96
N ILE A 147 -20.69 21.39 8.77
CA ILE A 147 -19.48 21.81 9.45
C ILE A 147 -19.84 22.77 10.56
N SER A 148 -19.26 22.57 11.76
CA SER A 148 -19.45 23.48 12.89
C SER A 148 -18.16 23.71 13.65
N GLY A 149 -18.18 24.68 14.56
CA GLY A 149 -17.02 25.03 15.36
C GLY A 149 -17.28 26.31 16.15
N ARG A 150 -16.24 26.87 16.75
CA ARG A 150 -16.37 28.08 17.55
C ARG A 150 -15.29 29.08 17.17
N VAL A 151 -15.73 30.30 16.82
CA VAL A 151 -14.79 31.36 16.46
C VAL A 151 -15.07 32.55 17.39
N ASP A 152 -14.09 32.79 18.28
CA ASP A 152 -14.11 33.91 19.21
C ASP A 152 -15.51 33.97 19.84
N GLY A 153 -15.80 32.94 20.65
CA GLY A 153 -17.03 32.89 21.40
C GLY A 153 -18.14 32.14 20.65
N ARG A 154 -18.45 32.57 19.42
CA ARG A 154 -19.69 32.19 18.73
C ARG A 154 -19.60 30.85 18.00
N GLN A 155 -20.70 30.08 18.01
CA GLN A 155 -20.89 28.86 17.23
C GLN A 155 -21.10 29.21 15.76
N ILE A 156 -20.22 28.74 14.84
CA ILE A 156 -20.41 28.92 13.41
C ILE A 156 -20.85 27.58 12.78
N THR A 157 -21.66 27.63 11.69
CA THR A 157 -22.07 26.42 11.01
C THR A 157 -22.46 26.71 9.56
N THR A 158 -22.27 25.69 8.70
CA THR A 158 -22.46 25.76 7.26
C THR A 158 -22.70 24.33 6.78
N LYS A 159 -23.48 24.22 5.71
CA LYS A 159 -23.75 22.96 5.04
C LYS A 159 -23.23 22.97 3.61
N VAL A 160 -22.49 21.90 3.26
CA VAL A 160 -21.88 21.85 1.93
C VAL A 160 -22.56 20.75 1.12
N PRO A 161 -23.11 21.04 -0.08
CA PRO A 161 -23.78 20.03 -0.86
C PRO A 161 -22.75 19.10 -1.47
N VAL A 162 -23.08 17.80 -1.44
CA VAL A 162 -22.25 16.77 -2.07
C VAL A 162 -23.14 15.78 -2.79
N ALA A 163 -22.55 15.08 -3.77
CA ALA A 163 -23.22 14.16 -4.65
C ALA A 163 -22.24 13.02 -4.99
N ILE A 164 -22.77 11.81 -5.01
CA ILE A 164 -22.03 10.63 -5.45
C ILE A 164 -22.87 9.94 -6.52
N LYS A 165 -22.35 9.88 -7.73
CA LYS A 165 -22.98 9.09 -8.75
C LYS A 165 -22.38 7.65 -8.75
N VAL A 166 -23.27 6.70 -8.53
CA VAL A 166 -22.97 5.26 -8.46
C VAL A 166 -23.39 4.66 -9.77
N PHE A 167 -22.39 4.30 -10.59
CA PHE A 167 -22.58 3.66 -11.89
C PHE A 167 -22.95 2.19 -11.73
N ASP A 168 -23.70 1.68 -12.71
CA ASP A 168 -24.17 0.30 -12.69
C ASP A 168 -23.10 -0.63 -13.27
N ILE A 169 -22.02 -0.79 -12.51
CA ILE A 169 -20.91 -1.66 -12.83
C ILE A 169 -20.37 -2.07 -11.47
N GLU A 170 -20.10 -3.38 -11.35
CA GLU A 170 -19.69 -3.99 -10.09
C GLU A 170 -18.19 -4.28 -10.13
N VAL A 171 -17.45 -3.69 -9.19
CA VAL A 171 -16.06 -4.01 -8.97
C VAL A 171 -16.01 -4.82 -7.68
N GLY A 172 -15.70 -6.12 -7.76
CA GLY A 172 -15.54 -6.92 -6.57
C GLY A 172 -14.07 -6.87 -6.14
N GLN A 173 -13.51 -8.05 -5.85
CA GLN A 173 -12.08 -8.17 -5.63
C GLN A 173 -11.32 -7.79 -6.90
N SER A 174 -10.24 -7.00 -6.79
CA SER A 174 -9.35 -6.71 -7.91
C SER A 174 -8.46 -7.94 -8.11
N ARG A 175 -8.33 -8.35 -9.38
CA ARG A 175 -7.47 -9.47 -9.76
C ARG A 175 -5.97 -9.16 -9.59
N LEU A 176 -5.56 -7.85 -9.46
CA LEU A 176 -4.17 -7.48 -9.15
C LEU A 176 -3.71 -8.01 -7.80
N TRP A 177 -2.53 -8.62 -7.75
CA TRP A 177 -1.86 -9.00 -6.53
C TRP A 177 -1.10 -7.83 -5.95
N VAL A 178 -1.35 -7.51 -4.65
CA VAL A 178 -0.73 -6.37 -4.00
C VAL A 178 -0.22 -6.76 -2.62
N THR A 179 1.09 -6.53 -2.37
CA THR A 179 1.72 -6.71 -1.08
C THR A 179 2.40 -5.42 -0.62
N ASN A 180 2.18 -5.05 0.66
CA ASN A 180 2.93 -4.03 1.37
C ASN A 180 3.54 -4.73 2.57
N TRP A 181 4.86 -4.80 2.58
CA TRP A 181 5.54 -5.49 3.66
C TRP A 181 5.28 -4.76 4.98
N PHE A 182 4.94 -5.57 5.97
CA PHE A 182 4.35 -5.03 7.24
C PHE A 182 5.17 -5.56 8.42
N SER A 183 5.46 -4.68 9.37
CA SER A 183 6.07 -5.04 10.66
C SER A 183 5.02 -4.99 11.78
N MET A 184 4.93 -6.09 12.52
CA MET A 184 3.97 -6.11 13.63
C MET A 184 4.59 -5.37 14.83
N GLN A 185 4.20 -4.09 15.06
CA GLN A 185 4.85 -3.22 16.02
C GLN A 185 3.80 -2.17 16.42
N SER A 186 3.97 -1.61 17.65
CA SER A 186 3.05 -0.61 18.23
C SER A 186 3.75 0.69 18.59
N ARG A 187 4.93 0.93 17.97
CA ARG A 187 5.70 2.14 18.15
C ARG A 187 4.84 3.37 17.92
N HIS A 188 4.90 4.29 18.91
CA HIS A 188 4.28 5.61 18.89
C HIS A 188 2.78 5.55 19.11
N MET A 189 2.21 4.35 19.31
CA MET A 189 0.78 4.23 19.59
C MET A 189 0.55 4.55 21.07
N LYS A 190 -0.70 4.67 21.50
CA LYS A 190 -0.99 4.74 22.95
C LYS A 190 -1.14 3.37 23.62
N ILE A 191 -1.00 2.28 22.88
CA ILE A 191 -0.95 0.93 23.43
C ILE A 191 0.46 0.39 23.17
N ALA A 192 0.86 -0.65 23.88
CA ALA A 192 2.17 -1.27 23.76
C ALA A 192 2.01 -2.78 24.04
N PRO A 193 1.18 -3.56 23.29
CA PRO A 193 0.94 -4.94 23.68
C PRO A 193 2.22 -5.80 23.58
N GLU A 194 2.31 -6.74 24.51
CA GLU A 194 3.30 -7.80 24.45
C GLU A 194 2.90 -8.92 23.49
N PRO A 195 3.89 -9.67 22.93
CA PRO A 195 3.57 -10.79 22.05
C PRO A 195 2.68 -11.82 22.80
N ASP A 196 1.78 -12.42 22.04
CA ASP A 196 0.86 -13.45 22.50
C ASP A 196 -0.22 -12.91 23.46
N SER A 197 -0.21 -11.63 23.85
CA SER A 197 -1.31 -11.03 24.61
C SER A 197 -2.57 -10.96 23.75
N GLN A 198 -3.74 -10.84 24.41
CA GLN A 198 -4.94 -10.70 23.62
C GLN A 198 -4.87 -9.41 22.76
N GLN A 199 -4.38 -8.32 23.35
CA GLN A 199 -4.35 -7.04 22.67
C GLN A 199 -3.38 -7.12 21.47
N TYR A 200 -2.30 -7.91 21.61
CA TYR A 200 -1.38 -8.12 20.47
C TYR A 200 -2.16 -8.70 19.29
N TRP A 201 -2.89 -9.82 19.51
CA TRP A 201 -3.64 -10.42 18.41
C TRP A 201 -4.72 -9.50 17.91
N ALA A 202 -5.35 -8.69 18.78
CA ALA A 202 -6.38 -7.74 18.36
C ALA A 202 -5.78 -6.63 17.46
N LEU A 203 -4.58 -6.14 17.80
CA LEU A 203 -3.91 -5.17 16.94
C LEU A 203 -3.55 -5.77 15.56
N LEU A 204 -3.02 -6.99 15.58
CA LEU A 204 -2.67 -7.71 14.34
C LEU A 204 -3.89 -7.78 13.43
N SER A 205 -5.09 -8.11 14.01
CA SER A 205 -6.34 -8.13 13.28
C SER A 205 -6.70 -6.77 12.67
N ARG A 206 -6.47 -5.69 13.44
CA ARG A 206 -6.79 -4.34 13.02
C ARG A 206 -5.89 -3.93 11.86
N TYR A 207 -4.63 -4.35 11.93
CA TYR A 207 -3.75 -4.08 10.79
C TYR A 207 -4.22 -4.84 9.55
N ALA A 208 -4.56 -6.13 9.69
CA ALA A 208 -5.03 -6.97 8.61
C ALA A 208 -6.30 -6.35 7.98
N ARG A 209 -7.25 -5.89 8.83
CA ARG A 209 -8.43 -5.27 8.28
C ARG A 209 -8.10 -4.00 7.48
N ASN A 210 -7.16 -3.19 7.98
CA ASN A 210 -6.81 -1.97 7.29
C ASN A 210 -6.25 -2.27 5.89
N MET A 211 -5.42 -3.33 5.83
CA MET A 211 -4.85 -3.80 4.56
C MET A 211 -5.91 -4.33 3.63
N SER A 212 -6.89 -5.14 4.11
CA SER A 212 -7.84 -5.64 3.16
C SER A 212 -8.79 -4.53 2.67
N GLU A 213 -9.09 -3.57 3.55
CA GLU A 213 -9.94 -2.40 3.19
C GLU A 213 -9.26 -1.52 2.11
N HIS A 214 -7.98 -1.70 1.90
CA HIS A 214 -7.17 -0.96 0.89
C HIS A 214 -6.71 -1.87 -0.24
N ARG A 215 -7.33 -3.06 -0.38
CA ARG A 215 -7.21 -3.97 -1.53
C ARG A 215 -5.84 -4.69 -1.58
N GLN A 216 -5.21 -4.79 -0.40
CA GLN A 216 -4.05 -5.68 -0.28
C GLN A 216 -4.56 -7.09 -0.12
N ASN A 217 -3.97 -8.07 -0.88
CA ASN A 217 -4.40 -9.46 -0.95
C ASN A 217 -3.22 -10.45 -0.89
N VAL A 218 -2.08 -9.93 -0.34
CA VAL A 218 -0.88 -10.71 -0.10
C VAL A 218 -0.27 -10.20 1.19
N VAL A 219 0.23 -11.14 2.04
CA VAL A 219 0.93 -10.73 3.24
C VAL A 219 2.22 -11.52 3.38
N LEU A 220 3.29 -10.83 3.75
CA LEU A 220 4.57 -11.46 4.03
C LEU A 220 4.62 -12.01 5.47
N VAL A 221 4.81 -13.33 5.59
CA VAL A 221 4.88 -14.04 6.85
C VAL A 221 6.08 -14.97 6.81
N SER A 222 6.93 -14.94 7.85
CA SER A 222 8.13 -15.76 7.86
C SER A 222 7.85 -17.14 8.44
N PRO A 223 8.11 -18.21 7.68
CA PRO A 223 8.04 -19.55 8.24
C PRO A 223 9.24 -19.87 9.12
N LEU A 224 10.28 -19.07 9.15
CA LEU A 224 11.40 -19.31 10.08
C LEU A 224 11.21 -18.63 11.43
N SER A 225 10.82 -17.36 11.40
CA SER A 225 10.68 -16.55 12.59
C SER A 225 9.42 -16.92 13.38
N LEU A 226 8.38 -17.39 12.72
CA LEU A 226 7.11 -17.72 13.37
C LEU A 226 6.90 -19.22 13.60
N ALA A 227 7.98 -19.99 13.56
CA ALA A 227 8.02 -21.40 13.91
C ALA A 227 8.90 -21.58 15.16
N THR A 228 8.71 -22.68 15.90
CA THR A 228 9.65 -23.11 16.94
C THR A 228 10.19 -24.49 16.55
N PHE A 229 11.43 -24.73 16.95
CA PHE A 229 12.16 -25.90 16.55
C PHE A 229 12.57 -26.77 17.75
N GLN A 230 12.44 -28.09 17.57
CA GLN A 230 13.03 -29.11 18.46
C GLN A 230 13.93 -30.01 17.62
N LEU A 231 15.16 -30.22 18.09
CA LEU A 231 16.29 -30.68 17.25
C LEU A 231 17.17 -31.76 17.95
N ASP A 232 16.53 -32.59 18.81
CA ASP A 232 16.89 -33.96 19.19
C ASP A 232 18.07 -34.53 18.37
N MET A 237 14.34 -33.35 13.07
CA MET A 237 13.85 -32.02 13.53
C MET A 237 12.33 -32.07 13.60
N GLU A 238 11.77 -31.33 14.55
CA GLU A 238 10.34 -31.13 14.64
C GLU A 238 10.10 -29.63 14.52
N VAL A 239 9.16 -29.24 13.66
CA VAL A 239 8.90 -27.82 13.50
C VAL A 239 7.50 -27.55 13.99
N ASP A 240 7.29 -26.53 14.83
CA ASP A 240 5.96 -26.15 15.24
C ASP A 240 5.58 -24.82 14.60
N PHE A 241 4.56 -24.89 13.71
CA PHE A 241 4.14 -23.72 12.95
C PHE A 241 2.96 -22.96 13.60
N SER A 242 2.73 -23.14 14.92
CA SER A 242 1.43 -22.65 15.43
C SER A 242 1.29 -21.13 15.37
N ARG A 243 2.36 -20.39 15.60
CA ARG A 243 2.26 -18.94 15.51
C ARG A 243 2.09 -18.47 14.06
N PHE A 244 2.84 -19.11 13.15
CA PHE A 244 2.67 -18.86 11.71
C PHE A 244 1.19 -19.07 11.31
N ASP A 245 0.61 -20.15 11.82
CA ASP A 245 -0.78 -20.46 11.50
C ASP A 245 -1.78 -19.41 12.02
N ARG A 246 -1.53 -18.93 13.22
CA ARG A 246 -2.41 -17.91 13.81
C ARG A 246 -2.40 -16.67 12.93
N TRP A 247 -1.20 -16.26 12.48
CA TRP A 247 -1.09 -15.14 11.55
C TRP A 247 -1.87 -15.35 10.25
N VAL A 248 -1.71 -16.54 9.65
CA VAL A 248 -2.40 -16.86 8.42
C VAL A 248 -3.90 -16.85 8.62
N ARG A 249 -4.39 -17.46 9.71
CA ARG A 249 -5.83 -17.45 9.93
C ARG A 249 -6.41 -16.05 10.13
N ILE A 250 -5.71 -15.17 10.87
CA ILE A 250 -6.09 -13.75 10.99
C ILE A 250 -6.16 -13.01 9.66
N PHE A 251 -5.16 -13.21 8.80
CA PHE A 251 -5.16 -12.54 7.51
C PHE A 251 -6.17 -13.14 6.57
N ILE A 252 -6.52 -14.44 6.72
CA ILE A 252 -7.65 -14.97 5.96
C ILE A 252 -8.94 -14.33 6.47
N ALA A 253 -9.14 -14.36 7.81
CA ALA A 253 -10.43 -13.93 8.39
C ALA A 253 -10.72 -12.47 8.10
N GLU A 254 -9.68 -11.62 8.04
CA GLU A 254 -9.87 -10.19 7.79
C GLU A 254 -9.90 -9.85 6.29
N GLY A 255 -9.73 -10.84 5.42
CA GLY A 255 -10.02 -10.73 4.00
C GLY A 255 -8.80 -10.36 3.13
N VAL A 256 -7.58 -10.51 3.66
CA VAL A 256 -6.35 -10.28 2.89
C VAL A 256 -6.03 -11.50 2.05
N ILE A 257 -5.80 -12.66 2.70
CA ILE A 257 -5.32 -13.86 1.99
C ILE A 257 -6.49 -14.51 1.28
N GLY A 258 -6.44 -14.64 -0.07
CA GLY A 258 -5.43 -14.19 -1.05
C GLY A 258 -4.19 -15.10 -1.08
N ARG A 259 -2.99 -14.50 -1.08
CA ARG A 259 -1.74 -15.23 -1.17
C ARG A 259 -0.89 -14.96 0.06
N ILE A 260 0.00 -15.94 0.35
CA ILE A 260 0.93 -15.96 1.44
C ILE A 260 2.34 -15.85 0.85
N GLU A 261 3.04 -14.80 1.27
CA GLU A 261 4.40 -14.52 0.80
C GLU A 261 5.39 -14.89 1.88
N GLY A 262 6.07 -16.00 1.67
CA GLY A 262 6.99 -16.56 2.68
C GLY A 262 8.22 -15.67 2.82
N GLY A 263 8.51 -15.26 4.07
CA GLY A 263 9.64 -14.43 4.43
C GLY A 263 10.98 -15.06 4.01
N HIS A 264 11.95 -14.17 3.71
CA HIS A 264 13.24 -14.47 3.11
C HIS A 264 13.95 -15.50 4.02
N LEU A 265 14.61 -16.47 3.37
CA LEU A 265 15.42 -17.47 4.05
C LEU A 265 16.84 -16.97 4.36
N GLY A 266 17.29 -15.94 3.64
CA GLY A 266 18.64 -15.48 3.78
C GLY A 266 18.74 -13.99 3.46
N GLY A 267 20.00 -13.56 3.33
CA GLY A 267 20.36 -12.17 3.15
C GLY A 267 21.86 -11.99 2.93
N ARG A 268 22.26 -10.73 2.74
CA ARG A 268 23.66 -10.40 2.42
C ARG A 268 24.57 -10.74 3.62
N SER A 269 25.73 -11.32 3.37
CA SER A 269 26.70 -11.59 4.42
C SER A 269 27.28 -10.28 5.00
N SER A 270 27.47 -9.25 4.13
CA SER A 270 27.96 -7.96 4.60
C SER A 270 27.34 -6.85 3.77
N ASP A 271 28.13 -6.34 2.83
CA ASP A 271 27.79 -5.13 2.09
C ASP A 271 27.01 -5.46 0.80
N TRP A 272 26.74 -4.43 -0.02
CA TRP A 272 25.82 -4.56 -1.16
C TRP A 272 26.17 -5.67 -2.14
N GLU A 273 27.46 -5.88 -2.44
CA GLU A 273 27.80 -6.91 -3.44
C GLU A 273 28.23 -8.22 -2.80
N SER A 274 28.09 -8.36 -1.48
CA SER A 274 28.63 -9.53 -0.79
C SER A 274 27.79 -10.78 -1.14
N PRO A 275 28.33 -11.99 -0.94
CA PRO A 275 27.50 -13.18 -1.15
C PRO A 275 26.37 -13.29 -0.14
N PHE A 276 25.29 -13.95 -0.61
CA PHE A 276 24.18 -14.32 0.27
C PHE A 276 24.58 -15.50 1.17
N VAL A 277 24.04 -15.45 2.39
CA VAL A 277 24.04 -16.51 3.37
C VAL A 277 22.58 -16.86 3.70
N VAL A 278 22.35 -18.08 4.21
CA VAL A 278 21.01 -18.51 4.60
C VAL A 278 21.00 -18.80 6.11
N ARG A 279 19.85 -18.52 6.71
CA ARG A 279 19.64 -18.78 8.10
C ARG A 279 19.33 -20.26 8.29
N ILE A 280 19.93 -20.82 9.37
CA ILE A 280 19.59 -22.16 9.82
C ILE A 280 19.37 -22.13 11.33
N LYS A 281 18.79 -23.21 11.79
CA LYS A 281 18.62 -23.45 13.22
C LYS A 281 19.47 -24.66 13.58
N GLU A 282 20.12 -24.59 14.75
CA GLU A 282 20.98 -25.66 15.26
C GLU A 282 20.80 -25.77 16.77
N LEU A 283 20.96 -27.00 17.28
CA LEU A 283 21.02 -27.20 18.72
C LEU A 283 22.47 -27.00 19.18
N ARG A 284 22.71 -26.06 20.08
CA ARG A 284 24.04 -25.79 20.62
C ARG A 284 23.96 -25.58 22.15
N GLU A 285 24.58 -26.52 22.87
CA GLU A 285 24.66 -26.46 24.33
C GLU A 285 23.25 -26.31 24.91
N GLY A 286 22.34 -27.11 24.37
CA GLY A 286 20.98 -27.17 24.93
C GLY A 286 19.98 -26.11 24.47
N ASN A 287 20.38 -25.19 23.58
CA ASN A 287 19.52 -24.13 23.14
C ASN A 287 19.44 -24.21 21.60
N ILE A 288 18.30 -23.83 21.06
CA ILE A 288 18.21 -23.57 19.60
C ILE A 288 18.82 -22.20 19.37
N ILE A 289 19.79 -22.18 18.44
CA ILE A 289 20.40 -20.97 17.96
C ILE A 289 20.17 -20.85 16.44
N THR A 290 20.21 -19.61 16.03
CA THR A 290 20.05 -19.26 14.60
C THR A 290 21.39 -18.75 14.13
N LYS A 291 21.89 -19.21 12.99
CA LYS A 291 23.06 -18.55 12.44
C LYS A 291 22.98 -18.58 10.91
N SER A 292 23.80 -17.76 10.29
CA SER A 292 23.84 -17.62 8.83
C SER A 292 25.03 -18.37 8.30
N VAL A 293 24.81 -19.20 7.26
CA VAL A 293 25.87 -20.03 6.69
C VAL A 293 25.83 -19.92 5.14
N ALA A 294 26.91 -20.34 4.49
CA ALA A 294 26.93 -20.39 3.02
C ALA A 294 25.86 -21.40 2.55
N PRO A 295 25.07 -21.09 1.49
CA PRO A 295 24.07 -22.04 0.98
C PRO A 295 24.56 -23.37 0.42
N THR A 296 25.87 -23.44 0.03
CA THR A 296 26.46 -24.69 -0.45
C THR A 296 27.05 -25.50 0.73
N SER A 297 26.95 -24.99 1.97
CA SER A 297 27.53 -25.71 3.13
C SER A 297 26.74 -26.96 3.50
N GLU A 298 27.46 -27.91 4.16
CA GLU A 298 26.80 -29.06 4.75
C GLU A 298 25.77 -28.66 5.81
N GLU A 299 26.05 -27.61 6.62
CA GLU A 299 25.13 -27.09 7.65
C GLU A 299 23.79 -26.62 7.00
N ALA A 300 23.88 -25.95 5.85
CA ALA A 300 22.69 -25.46 5.13
C ALA A 300 21.89 -26.64 4.58
N ASN A 301 22.59 -27.64 4.04
CA ASN A 301 21.99 -28.82 3.44
C ASN A 301 21.27 -29.62 4.53
N GLN A 302 21.92 -29.80 5.71
CA GLN A 302 21.31 -30.59 6.78
C GLN A 302 20.00 -29.96 7.34
N PHE A 303 20.01 -28.62 7.48
CA PHE A 303 18.85 -27.92 8.00
C PHE A 303 17.72 -27.96 6.95
N TYR A 304 18.04 -27.48 5.71
CA TYR A 304 17.02 -27.29 4.69
C TYR A 304 16.44 -28.63 4.22
N ALA A 305 17.24 -29.72 4.21
CA ALA A 305 16.70 -31.02 3.89
C ALA A 305 15.55 -31.47 4.80
N GLN A 306 15.46 -30.94 6.04
CA GLN A 306 14.37 -31.27 6.94
C GLN A 306 13.33 -30.15 6.99
N PHE A 307 13.77 -28.90 7.07
CA PHE A 307 12.83 -27.78 7.18
C PHE A 307 11.90 -27.63 5.96
N LEU A 308 12.46 -27.70 4.74
CA LEU A 308 11.65 -27.47 3.53
C LEU A 308 10.57 -28.52 3.38
N PRO A 309 10.83 -29.84 3.49
CA PRO A 309 9.73 -30.80 3.42
C PRO A 309 8.68 -30.60 4.53
N ALA A 310 9.10 -30.17 5.72
CA ALA A 310 8.17 -29.94 6.81
C ALA A 310 7.22 -28.77 6.43
N LEU A 311 7.79 -27.70 5.87
CA LEU A 311 7.02 -26.55 5.39
C LEU A 311 6.02 -26.93 4.29
N VAL A 312 6.47 -27.68 3.27
CA VAL A 312 5.56 -28.11 2.22
C VAL A 312 4.43 -29.00 2.74
N ASN A 313 4.76 -30.00 3.58
CA ASN A 313 3.77 -30.90 4.16
C ASN A 313 2.73 -30.09 4.95
N HIS A 314 3.20 -29.14 5.75
CA HIS A 314 2.33 -28.32 6.57
C HIS A 314 1.37 -27.50 5.71
N LEU A 315 1.90 -26.79 4.69
CA LEU A 315 1.06 -25.97 3.84
C LEU A 315 0.04 -26.84 3.10
N ARG A 316 0.49 -27.99 2.56
CA ARG A 316 -0.42 -28.88 1.85
C ARG A 316 -1.55 -29.35 2.79
N ASP A 317 -1.18 -29.79 4.00
CA ASP A 317 -2.13 -30.31 4.96
C ASP A 317 -3.14 -29.24 5.35
N ARG A 318 -2.73 -27.95 5.37
CA ARG A 318 -3.63 -26.88 5.77
C ARG A 318 -4.40 -26.30 4.56
N GLY A 319 -4.11 -26.75 3.31
CA GLY A 319 -4.76 -26.27 2.10
C GLY A 319 -4.24 -24.90 1.64
N TRP A 320 -2.97 -24.59 1.95
CA TRP A 320 -2.38 -23.27 1.74
C TRP A 320 -1.23 -23.34 0.74
N LEU A 321 -0.84 -24.55 0.28
CA LEU A 321 0.37 -24.68 -0.55
C LEU A 321 0.21 -23.90 -1.88
N GLU A 322 -1.01 -23.94 -2.47
CA GLU A 322 -1.18 -23.30 -3.79
C GLU A 322 -1.30 -21.78 -3.65
N LYS A 323 -1.41 -21.26 -2.42
CA LYS A 323 -1.54 -19.82 -2.17
C LYS A 323 -0.16 -19.22 -1.87
N TYR A 324 0.90 -20.04 -1.70
CA TYR A 324 2.17 -19.66 -1.10
C TYR A 324 3.25 -19.45 -2.15
N ALA A 325 4.13 -18.50 -1.91
CA ALA A 325 5.35 -18.36 -2.69
C ALA A 325 6.46 -17.99 -1.72
N GLN A 326 7.65 -18.56 -1.88
CA GLN A 326 8.77 -18.41 -0.97
C GLN A 326 9.85 -17.45 -1.45
N HIS A 327 10.13 -16.42 -0.62
CA HIS A 327 11.30 -15.57 -0.82
C HIS A 327 12.62 -16.24 -0.42
N LEU A 328 13.67 -16.00 -1.20
CA LEU A 328 14.99 -16.59 -0.91
C LEU A 328 15.86 -15.55 -0.18
N ALA A 329 16.12 -14.44 -0.89
CA ALA A 329 16.97 -13.37 -0.37
C ALA A 329 16.74 -12.14 -1.22
N ASP A 330 16.69 -10.98 -0.59
CA ASP A 330 16.20 -9.79 -1.28
C ASP A 330 17.25 -9.16 -2.21
N GLU A 331 16.75 -8.66 -3.32
CA GLU A 331 17.46 -7.86 -4.34
C GLU A 331 18.80 -8.49 -4.78
N PRO A 332 18.78 -9.71 -5.36
CA PRO A 332 19.98 -10.24 -6.01
C PRO A 332 20.43 -9.25 -7.11
N VAL A 333 21.77 -9.12 -7.20
CA VAL A 333 22.48 -8.35 -8.22
C VAL A 333 23.51 -9.27 -8.91
N ARG A 334 24.09 -8.75 -10.03
CA ARG A 334 24.92 -9.59 -10.87
C ARG A 334 26.08 -10.13 -10.06
N THR A 335 26.65 -9.36 -9.13
CA THR A 335 27.84 -9.83 -8.48
C THR A 335 27.58 -10.86 -7.37
N ASN A 336 26.31 -11.12 -6.92
CA ASN A 336 26.07 -12.18 -5.94
C ASN A 336 25.09 -13.20 -6.48
N ILE A 337 25.06 -13.33 -7.80
CA ILE A 337 24.13 -14.22 -8.42
C ILE A 337 24.43 -15.69 -8.08
N GLU A 338 25.72 -16.07 -7.93
CA GLU A 338 26.04 -17.46 -7.71
C GLU A 338 25.48 -17.95 -6.35
N SER A 339 25.67 -17.16 -5.31
CA SER A 339 25.18 -17.57 -4.00
C SER A 339 23.63 -17.55 -3.98
N TYR A 340 23.03 -16.58 -4.72
CA TYR A 340 21.57 -16.57 -4.83
C TYR A 340 21.08 -17.87 -5.44
N ARG A 341 21.67 -18.28 -6.57
CA ARG A 341 21.25 -19.50 -7.23
C ARG A 341 21.47 -20.74 -6.39
N ALA A 342 22.48 -20.70 -5.53
CA ALA A 342 22.71 -21.84 -4.64
C ALA A 342 21.58 -21.97 -3.60
N ILE A 343 20.99 -20.84 -3.19
CA ILE A 343 19.80 -20.91 -2.33
C ILE A 343 18.62 -21.56 -3.11
N SER A 344 18.42 -21.09 -4.38
CA SER A 344 17.38 -21.64 -5.21
C SER A 344 17.54 -23.16 -5.39
N LYS A 345 18.76 -23.62 -5.63
CA LYS A 345 19.05 -25.05 -5.82
C LYS A 345 18.57 -25.85 -4.60
N LEU A 346 18.78 -25.33 -3.36
CA LEU A 346 18.33 -26.01 -2.15
C LEU A 346 16.84 -26.18 -2.15
N VAL A 347 16.12 -25.07 -2.46
CA VAL A 347 14.68 -25.11 -2.49
C VAL A 347 14.17 -26.03 -3.60
N ARG A 348 14.73 -25.91 -4.82
CA ARG A 348 14.32 -26.78 -5.91
C ARG A 348 14.57 -28.26 -5.55
N LYS A 349 15.64 -28.52 -4.81
CA LYS A 349 15.97 -29.90 -4.48
C LYS A 349 15.05 -30.53 -3.44
N TYR A 350 14.78 -29.82 -2.32
CA TYR A 350 14.04 -30.37 -1.20
C TYR A 350 12.57 -29.97 -1.19
N ALA A 351 12.20 -28.98 -2.05
CA ALA A 351 10.85 -28.47 -2.11
C ALA A 351 10.48 -28.10 -3.53
N PRO A 352 10.52 -29.07 -4.47
CA PRO A 352 10.28 -28.76 -5.88
C PRO A 352 8.89 -28.19 -6.17
N GLU A 353 7.91 -28.42 -5.28
CA GLU A 353 6.57 -27.95 -5.45
C GLU A 353 6.39 -26.47 -5.04
N LEU A 354 7.37 -25.89 -4.35
CA LEU A 354 7.22 -24.52 -3.81
C LEU A 354 7.55 -23.52 -4.90
N LYS A 355 6.64 -22.58 -5.09
CA LYS A 355 6.89 -21.44 -5.94
C LYS A 355 7.80 -20.46 -5.21
N ILE A 356 8.68 -19.84 -5.97
CA ILE A 356 9.69 -18.87 -5.48
C ILE A 356 9.40 -17.49 -6.01
N ILE A 357 9.44 -16.49 -5.14
CA ILE A 357 9.20 -15.10 -5.47
C ILE A 357 10.42 -14.24 -5.06
N GLU A 358 10.76 -13.20 -5.83
CA GLU A 358 11.82 -12.29 -5.44
C GLU A 358 11.73 -10.92 -6.10
N ALA A 359 11.96 -9.91 -5.27
CA ALA A 359 12.28 -8.53 -5.65
C ALA A 359 13.72 -8.60 -6.16
N CYS A 360 13.92 -8.33 -7.46
CA CYS A 360 15.21 -8.63 -8.11
C CYS A 360 15.74 -7.38 -8.84
N HIS A 361 17.09 -7.34 -8.98
CA HIS A 361 17.76 -6.42 -9.87
C HIS A 361 18.29 -7.18 -11.09
N THR A 362 19.07 -8.22 -10.80
CA THR A 362 19.57 -9.05 -11.90
C THR A 362 18.44 -9.80 -12.60
N LYS A 363 18.57 -9.97 -13.92
CA LYS A 363 17.58 -10.71 -14.68
C LYS A 363 17.98 -12.16 -14.95
N ASP A 364 19.19 -12.54 -14.56
CA ASP A 364 19.79 -13.77 -15.04
C ASP A 364 19.40 -14.93 -14.09
N LEU A 365 18.08 -15.11 -13.86
CA LEU A 365 17.62 -16.05 -12.83
C LEU A 365 16.59 -17.05 -13.41
N ALA A 366 16.57 -17.28 -14.74
CA ALA A 366 15.56 -18.17 -15.34
C ALA A 366 15.69 -19.55 -14.70
N GLY A 367 14.56 -20.15 -14.33
CA GLY A 367 14.51 -21.45 -13.65
C GLY A 367 14.69 -21.40 -12.12
N ALA A 368 15.22 -20.29 -11.64
CA ALA A 368 15.56 -20.13 -10.21
C ALA A 368 14.42 -19.49 -9.42
N ILE A 369 13.57 -18.73 -10.11
CA ILE A 369 12.43 -18.06 -9.45
C ILE A 369 11.21 -18.15 -10.36
N ASP A 370 10.03 -18.07 -9.76
CA ASP A 370 8.77 -18.29 -10.50
C ASP A 370 7.94 -17.01 -10.61
N VAL A 371 8.09 -16.14 -9.60
CA VAL A 371 7.40 -14.85 -9.50
C VAL A 371 8.51 -13.78 -9.44
N TRP A 372 8.74 -13.09 -10.58
CA TRP A 372 9.74 -12.06 -10.71
C TRP A 372 9.16 -10.74 -10.25
N VAL A 373 9.90 -9.98 -9.45
CA VAL A 373 9.44 -8.67 -9.05
C VAL A 373 10.55 -7.65 -9.30
N PRO A 374 10.76 -7.24 -10.57
CA PRO A 374 11.82 -6.25 -10.86
C PRO A 374 11.44 -4.87 -10.28
N GLN A 375 12.43 -4.08 -9.88
CA GLN A 375 12.21 -2.68 -9.66
C GLN A 375 11.73 -1.99 -10.94
N LEU A 376 10.82 -1.00 -10.84
CA LEU A 376 10.15 -0.42 -11.98
C LEU A 376 11.15 -0.01 -13.12
N ASN A 377 12.22 0.72 -12.80
CA ASN A 377 13.16 1.18 -13.85
C ASN A 377 13.92 0.00 -14.47
N PHE A 378 14.22 -1.05 -13.69
CA PHE A 378 14.83 -2.25 -14.22
C PHE A 378 13.88 -3.03 -15.14
N LEU A 379 12.56 -3.09 -14.80
CA LEU A 379 11.53 -3.64 -15.66
C LEU A 379 11.54 -2.90 -17.02
N HIS A 380 11.53 -1.56 -16.97
CA HIS A 380 11.52 -0.71 -18.16
C HIS A 380 12.70 -1.11 -19.06
N ASN A 381 13.87 -1.15 -18.45
CA ASN A 381 15.15 -1.39 -19.15
C ASN A 381 15.23 -2.81 -19.72
N ASP A 382 14.60 -3.80 -19.07
CA ASP A 382 14.74 -5.22 -19.38
C ASP A 382 13.37 -5.78 -19.79
N PHE A 383 12.55 -4.94 -20.44
CA PHE A 383 11.17 -5.32 -20.68
C PHE A 383 11.03 -6.58 -21.54
N GLU A 384 11.82 -6.69 -22.62
CA GLU A 384 11.75 -7.88 -23.46
C GLU A 384 12.03 -9.18 -22.68
N HIS A 385 13.01 -9.13 -21.77
CA HIS A 385 13.31 -10.24 -20.88
C HIS A 385 12.07 -10.68 -20.08
N TYR A 386 11.34 -9.71 -19.53
CA TYR A 386 10.25 -10.01 -18.58
C TYR A 386 9.06 -10.52 -19.41
N GLN A 387 8.81 -9.96 -20.61
CA GLN A 387 7.74 -10.48 -21.46
C GLN A 387 8.00 -11.93 -21.86
N LYS A 388 9.25 -12.28 -22.14
CA LYS A 388 9.60 -13.66 -22.45
C LYS A 388 9.30 -14.59 -21.26
N ARG A 389 9.64 -14.11 -20.04
CA ARG A 389 9.42 -14.93 -18.82
C ARG A 389 7.93 -15.15 -18.66
N GLN A 390 7.10 -14.15 -19.02
CA GLN A 390 5.64 -14.39 -19.00
C GLN A 390 5.18 -15.42 -20.02
N ARG A 391 5.73 -15.30 -21.24
CA ARG A 391 5.51 -16.33 -22.27
C ARG A 391 5.92 -17.72 -21.78
N ALA A 392 6.99 -17.84 -20.99
CA ALA A 392 7.43 -19.10 -20.45
C ALA A 392 6.57 -19.56 -19.27
N GLY A 393 5.59 -18.79 -18.83
CA GLY A 393 4.67 -19.25 -17.79
C GLY A 393 4.97 -18.70 -16.40
N ASP A 394 5.99 -17.84 -16.25
CA ASP A 394 6.30 -17.17 -14.99
C ASP A 394 5.36 -15.99 -14.78
N GLU A 395 5.26 -15.54 -13.52
CA GLU A 395 4.55 -14.32 -13.18
C GLU A 395 5.59 -13.20 -13.05
N VAL A 396 5.19 -12.01 -13.48
CA VAL A 396 5.99 -10.79 -13.36
C VAL A 396 5.15 -9.69 -12.77
N TRP A 397 5.64 -9.18 -11.62
CA TRP A 397 5.12 -8.04 -10.91
C TRP A 397 6.13 -6.89 -11.03
N PHE A 398 5.98 -5.76 -10.25
CA PHE A 398 7.12 -4.87 -10.07
C PHE A 398 7.04 -4.17 -8.69
N TYR A 399 8.14 -3.53 -8.29
CA TYR A 399 8.17 -2.74 -7.06
C TYR A 399 8.70 -1.35 -7.30
N THR A 400 8.43 -0.46 -6.34
CA THR A 400 9.20 0.78 -6.13
C THR A 400 9.64 0.86 -4.66
N CYS A 401 10.63 1.72 -4.38
CA CYS A 401 11.15 2.00 -3.05
C CYS A 401 11.79 3.38 -3.08
N ILE A 402 12.94 3.53 -2.42
CA ILE A 402 13.79 4.73 -2.56
C ILE A 402 14.10 5.05 -4.03
N TYR A 403 14.22 3.99 -4.83
CA TYR A 403 14.33 4.06 -6.29
C TYR A 403 13.17 3.35 -6.96
N PRO A 404 12.75 3.76 -8.19
CA PRO A 404 13.36 4.88 -8.92
C PRO A 404 12.88 6.25 -8.40
N GLN A 405 13.79 7.25 -8.64
CA GLN A 405 13.44 8.68 -8.54
C GLN A 405 13.27 9.26 -9.97
N GLY A 406 13.69 10.55 -10.16
CA GLY A 406 13.47 11.20 -11.44
C GLY A 406 12.00 11.35 -11.77
N GLU A 407 11.69 10.91 -12.99
CA GLU A 407 10.37 11.06 -13.59
C GLU A 407 9.47 9.83 -13.40
N TYR A 408 10.01 8.74 -12.83
CA TYR A 408 9.16 7.57 -12.61
C TYR A 408 8.13 7.79 -11.47
N ALA A 409 6.99 7.12 -11.67
CA ALA A 409 5.91 7.09 -10.67
C ALA A 409 6.45 6.47 -9.38
N ASN A 410 5.94 6.94 -8.24
CA ASN A 410 6.30 6.41 -6.91
C ASN A 410 5.30 7.04 -5.94
N ARG A 411 5.47 6.74 -4.63
CA ARG A 411 4.52 7.17 -3.61
C ARG A 411 5.20 8.14 -2.64
N PHE A 412 6.11 8.96 -3.18
CA PHE A 412 6.77 9.94 -2.33
C PHE A 412 5.82 11.15 -2.07
N ILE A 413 5.92 11.73 -0.87
CA ILE A 413 5.02 12.79 -0.42
C ILE A 413 5.16 14.03 -1.33
N GLU A 414 6.37 14.30 -1.85
CA GLU A 414 6.62 15.41 -2.79
C GLU A 414 5.93 15.28 -4.15
N GLN A 415 5.52 14.06 -4.53
CA GLN A 415 4.93 13.80 -5.83
C GLN A 415 3.46 14.15 -5.87
N PRO A 416 2.92 14.50 -7.07
CA PRO A 416 1.48 14.45 -7.32
C PRO A 416 0.89 13.11 -6.88
N LEU A 417 -0.30 13.19 -6.27
CA LEU A 417 -0.95 11.98 -5.78
C LEU A 417 -1.29 11.01 -6.93
N LEU A 418 -1.58 11.53 -8.15
CA LEU A 418 -1.77 10.60 -9.26
C LEU A 418 -0.59 9.65 -9.53
N LYS A 419 0.66 10.03 -9.21
CA LYS A 419 1.81 9.13 -9.42
C LYS A 419 1.67 7.89 -8.54
N THR A 420 0.94 7.98 -7.38
CA THR A 420 0.70 6.76 -6.57
C THR A 420 -0.35 5.89 -7.30
N ARG A 421 -1.49 6.52 -7.62
CA ARG A 421 -2.60 5.85 -8.25
C ARG A 421 -2.22 5.25 -9.60
N LEU A 422 -1.43 5.95 -10.44
CA LEU A 422 -1.14 5.48 -11.79
C LEU A 422 -0.10 4.35 -11.78
N LEU A 423 0.52 4.04 -10.62
CA LEU A 423 1.33 2.81 -10.52
C LEU A 423 0.58 1.61 -11.08
N HIS A 424 -0.71 1.53 -10.75
CA HIS A 424 -1.54 0.42 -11.17
C HIS A 424 -2.06 0.51 -12.60
N TRP A 425 -2.00 1.75 -13.18
CA TRP A 425 -2.18 1.91 -14.61
C TRP A 425 -0.97 1.40 -15.42
N ILE A 426 0.24 1.54 -14.82
CA ILE A 426 1.46 0.95 -15.36
C ILE A 426 1.29 -0.57 -15.35
N ASN A 427 0.80 -1.14 -14.23
CA ASN A 427 0.50 -2.59 -14.21
C ASN A 427 -0.40 -2.97 -15.38
N TYR A 428 -1.50 -2.22 -15.62
CA TYR A 428 -2.44 -2.59 -16.68
C TYR A 428 -1.80 -2.44 -18.07
N ARG A 429 -1.21 -1.27 -18.37
CA ARG A 429 -0.62 -1.00 -19.71
C ARG A 429 0.38 -2.09 -20.13
N TYR A 430 1.28 -2.47 -19.21
CA TYR A 430 2.40 -3.35 -19.52
C TYR A 430 2.16 -4.82 -19.12
N GLY A 431 1.00 -5.14 -18.53
CA GLY A 431 0.63 -6.52 -18.26
C GLY A 431 1.37 -7.16 -17.07
N MET A 432 1.90 -6.33 -16.15
CA MET A 432 2.49 -6.79 -14.89
C MET A 432 1.33 -6.99 -13.90
N THR A 433 1.27 -8.23 -13.37
CA THR A 433 0.08 -8.80 -12.69
C THR A 433 0.08 -8.65 -11.15
N GLY A 434 1.07 -7.92 -10.65
CA GLY A 434 1.16 -7.64 -9.23
C GLY A 434 2.09 -6.45 -8.97
N TYR A 435 1.99 -5.93 -7.74
CA TYR A 435 2.79 -4.81 -7.22
C TYR A 435 3.22 -5.08 -5.77
N LEU A 436 4.49 -4.74 -5.50
CA LEU A 436 5.12 -4.93 -4.17
C LEU A 436 5.71 -3.61 -3.67
N HIS A 437 5.62 -3.40 -2.33
CA HIS A 437 6.33 -2.29 -1.69
C HIS A 437 6.73 -2.71 -0.27
N TRP A 438 7.96 -2.41 0.13
CA TRP A 438 8.49 -2.76 1.44
C TRP A 438 7.88 -1.99 2.61
N GLY A 439 7.25 -0.84 2.33
CA GLY A 439 7.08 0.23 3.30
C GLY A 439 5.66 0.44 3.76
N TYR A 440 5.03 -0.57 4.35
CA TYR A 440 3.68 -0.32 4.89
C TYR A 440 3.78 0.63 6.09
N ASN A 441 4.58 0.26 7.09
CA ASN A 441 4.54 0.90 8.41
C ASN A 441 5.91 0.87 9.10
N GLN A 442 7.01 1.18 8.40
CA GLN A 442 8.35 0.93 8.96
C GLN A 442 8.82 2.17 9.74
N TRP A 443 8.04 2.49 10.77
CA TRP A 443 8.33 3.61 11.65
C TRP A 443 9.62 3.35 12.41
N GLY A 444 10.44 4.45 12.57
CA GLY A 444 11.63 4.42 13.38
C GLY A 444 11.33 4.76 14.85
N LYS A 445 12.41 4.97 15.61
CA LYS A 445 12.29 5.39 17.01
C LYS A 445 11.84 6.84 17.09
N ASP A 446 12.09 7.69 16.10
CA ASP A 446 11.51 9.03 16.08
C ASP A 446 10.08 8.99 15.52
N SER A 447 9.27 9.98 15.95
CA SER A 447 7.91 10.08 15.46
C SER A 447 7.90 10.27 13.93
N PRO A 448 7.05 9.51 13.19
CA PRO A 448 6.91 9.70 11.72
C PRO A 448 6.17 10.97 11.38
N PHE A 449 5.41 11.51 12.37
CA PHE A 449 4.72 12.76 12.21
C PHE A 449 5.66 13.96 12.15
N THR A 450 6.79 13.92 12.86
CA THR A 450 7.71 15.05 12.97
C THR A 450 9.08 14.78 12.32
N HIS A 451 9.39 13.52 11.98
CA HIS A 451 10.65 13.17 11.38
C HIS A 451 10.34 12.33 10.12
N THR A 452 10.24 13.00 8.96
CA THR A 452 9.65 12.39 7.78
C THR A 452 10.69 11.69 6.89
N THR A 453 11.98 11.95 7.15
CA THR A 453 13.09 11.48 6.32
C THR A 453 13.92 10.56 7.15
N LYS A 454 13.54 9.28 7.15
CA LYS A 454 14.18 8.31 8.02
C LYS A 454 15.66 8.13 7.62
N GLN A 455 16.52 7.96 8.61
CA GLN A 455 17.94 7.86 8.31
C GLN A 455 18.71 7.12 9.41
N HIS A 456 19.53 6.14 9.03
CA HIS A 456 20.52 5.55 9.94
C HIS A 456 21.89 6.24 9.77
N THR A 457 22.71 6.34 10.83
CA THR A 457 23.90 7.20 10.76
C THR A 457 24.88 6.57 9.73
N GLY A 458 25.47 7.43 8.90
CA GLY A 458 26.43 7.04 7.90
C GLY A 458 25.81 6.46 6.63
N GLN A 459 24.49 6.64 6.44
CA GLN A 459 23.86 6.23 5.19
C GLN A 459 22.82 7.26 4.76
N GLN A 460 22.32 7.09 3.53
CA GLN A 460 21.46 8.12 2.92
C GLN A 460 20.09 8.07 3.63
N TYR A 461 19.42 9.22 3.68
CA TYR A 461 18.08 9.28 4.23
C TYR A 461 17.13 8.71 3.19
N LEU A 462 15.97 8.23 3.67
CA LEU A 462 14.90 7.82 2.77
C LEU A 462 13.96 9.00 2.47
N PRO A 463 13.63 9.21 1.20
CA PRO A 463 12.67 10.29 0.85
C PRO A 463 11.36 10.12 1.62
N ALA A 464 10.73 11.24 1.95
CA ALA A 464 9.47 11.20 2.70
C ALA A 464 8.40 10.48 1.88
N GLY A 465 7.73 9.50 2.50
CA GLY A 465 6.70 8.69 1.86
C GLY A 465 7.15 7.22 1.68
N ASP A 466 8.47 7.00 1.64
CA ASP A 466 9.02 5.68 1.26
C ASP A 466 8.81 4.62 2.38
N PRO A 467 9.22 4.83 3.65
CA PRO A 467 9.14 3.80 4.68
C PRO A 467 7.77 3.47 5.26
N TRP A 468 6.77 4.33 5.11
CA TRP A 468 5.41 4.14 5.63
C TRP A 468 4.38 4.85 4.79
N ILE A 469 3.30 4.14 4.54
CA ILE A 469 2.08 4.65 3.93
C ILE A 469 0.90 4.78 4.94
N VAL A 470 1.05 4.17 6.13
CA VAL A 470 0.15 4.36 7.26
C VAL A 470 0.99 4.91 8.41
N TYR A 471 0.24 5.54 9.36
CA TYR A 471 0.81 6.19 10.52
C TYR A 471 0.26 5.54 11.81
N PRO A 472 0.97 5.73 12.94
CA PRO A 472 0.59 5.12 14.23
C PRO A 472 -0.47 6.00 14.88
N GLY A 473 -1.66 5.47 14.97
CA GLY A 473 -2.76 6.07 15.68
C GLY A 473 -2.72 5.63 17.14
N ARG A 474 -3.84 5.86 17.87
CA ARG A 474 -3.88 5.52 19.29
C ARG A 474 -3.78 4.00 19.51
N ASP A 475 -4.47 3.21 18.67
CA ASP A 475 -4.51 1.76 18.86
C ASP A 475 -4.56 0.94 17.54
N GLY A 476 -4.12 1.55 16.44
CA GLY A 476 -4.08 0.93 15.14
C GLY A 476 -3.54 1.92 14.10
N PRO A 477 -3.48 1.46 12.86
CA PRO A 477 -2.96 2.27 11.77
C PRO A 477 -3.94 3.38 11.42
N LEU A 478 -3.35 4.53 11.07
CA LEU A 478 -4.07 5.63 10.38
C LEU A 478 -3.66 5.60 8.90
N ASP A 479 -4.61 5.81 8.01
CA ASP A 479 -4.32 5.99 6.59
C ASP A 479 -3.61 7.30 6.28
N SER A 480 -2.88 7.31 5.13
CA SER A 480 -2.42 8.53 4.48
C SER A 480 -3.28 8.71 3.24
N ILE A 481 -3.23 9.92 2.66
CA ILE A 481 -3.90 10.15 1.41
C ILE A 481 -3.32 9.29 0.27
N ARG A 482 -2.07 8.86 0.42
CA ARG A 482 -1.44 7.97 -0.54
C ARG A 482 -1.97 6.53 -0.44
N HIS A 483 -2.39 6.11 0.76
CA HIS A 483 -2.97 4.79 0.95
C HIS A 483 -4.31 4.76 0.24
N GLU A 484 -5.06 5.89 0.35
CA GLU A 484 -6.32 6.00 -0.32
C GLU A 484 -6.17 5.94 -1.85
N ALA A 485 -5.20 6.71 -2.38
CA ALA A 485 -4.91 6.74 -3.82
C ALA A 485 -4.48 5.35 -4.35
N MET A 486 -3.69 4.63 -3.56
CA MET A 486 -3.24 3.29 -3.93
C MET A 486 -4.45 2.36 -4.08
N CYS A 487 -5.32 2.33 -3.06
CA CYS A 487 -6.53 1.49 -3.12
C CYS A 487 -7.32 1.83 -4.40
N ASP A 488 -7.56 3.13 -4.64
CA ASP A 488 -8.36 3.55 -5.78
C ASP A 488 -7.72 3.06 -7.10
N GLY A 489 -6.37 3.13 -7.22
CA GLY A 489 -5.67 2.64 -8.38
C GLY A 489 -5.81 1.12 -8.59
N ILE A 490 -5.83 0.36 -7.50
CA ILE A 490 -6.02 -1.10 -7.58
C ILE A 490 -7.44 -1.45 -8.13
N ALA A 491 -8.46 -0.68 -7.74
CA ALA A 491 -9.82 -0.77 -8.30
C ALA A 491 -9.83 -0.32 -9.77
N ASP A 492 -9.11 0.75 -10.10
CA ASP A 492 -8.95 1.17 -11.50
C ASP A 492 -8.41 0.02 -12.37
N TYR A 493 -7.43 -0.73 -11.86
CA TYR A 493 -6.85 -1.82 -12.64
C TYR A 493 -7.93 -2.88 -12.92
N GLU A 494 -8.82 -3.14 -11.93
CA GLU A 494 -9.92 -4.11 -12.14
C GLU A 494 -10.93 -3.60 -13.21
N LEU A 495 -11.27 -2.29 -13.16
CA LEU A 495 -12.14 -1.72 -14.16
C LEU A 495 -11.56 -1.85 -15.57
N LEU A 496 -10.29 -1.49 -15.73
CA LEU A 496 -9.63 -1.53 -17.02
C LEU A 496 -9.58 -2.99 -17.50
N SER A 497 -9.31 -3.91 -16.57
CA SER A 497 -9.31 -5.35 -16.91
C SER A 497 -10.69 -5.86 -17.39
N MET A 498 -11.78 -5.40 -16.80
CA MET A 498 -13.14 -5.75 -17.21
C MET A 498 -13.43 -5.15 -18.59
N LEU A 499 -13.01 -3.90 -18.81
CA LEU A 499 -13.17 -3.26 -20.13
C LEU A 499 -12.40 -4.07 -21.16
N GLY A 500 -11.13 -4.43 -20.87
CA GLY A 500 -10.27 -5.05 -21.86
C GLY A 500 -10.75 -6.43 -22.30
N GLU A 501 -11.60 -7.08 -21.49
CA GLU A 501 -12.17 -8.37 -21.81
C GLU A 501 -13.23 -8.23 -22.91
N ARG A 502 -13.93 -7.08 -22.94
CA ARG A 502 -15.04 -6.77 -23.84
C ARG A 502 -14.53 -5.99 -25.05
N ASP A 503 -13.58 -5.09 -24.81
CA ASP A 503 -13.14 -4.14 -25.80
C ASP A 503 -11.68 -3.79 -25.56
N PRO A 504 -10.74 -4.68 -25.94
CA PRO A 504 -9.32 -4.46 -25.68
C PRO A 504 -8.82 -3.12 -26.24
N GLU A 505 -9.33 -2.70 -27.40
CA GLU A 505 -8.85 -1.47 -28.02
C GLU A 505 -9.22 -0.22 -27.20
N ALA A 506 -10.43 -0.19 -26.61
CA ALA A 506 -10.88 0.91 -25.78
C ALA A 506 -10.09 0.93 -24.46
N ALA A 507 -9.82 -0.21 -23.81
CA ALA A 507 -8.94 -0.22 -22.62
C ALA A 507 -7.52 0.29 -22.91
N LYS A 508 -6.91 -0.07 -24.08
CA LYS A 508 -5.62 0.48 -24.48
C LYS A 508 -5.69 2.00 -24.62
N ARG A 509 -6.71 2.50 -25.35
CA ARG A 509 -6.83 3.93 -25.55
C ARG A 509 -6.90 4.65 -24.19
N LEU A 510 -7.73 4.11 -23.28
CA LEU A 510 -7.89 4.78 -21.99
C LEU A 510 -6.59 4.77 -21.16
N VAL A 511 -5.91 3.61 -21.03
CA VAL A 511 -4.70 3.58 -20.20
C VAL A 511 -3.58 4.45 -20.79
N ASN A 512 -3.50 4.47 -22.15
CA ASN A 512 -2.49 5.20 -22.89
C ASN A 512 -2.65 6.71 -22.79
N ARG A 513 -3.81 7.16 -22.34
CA ARG A 513 -4.01 8.57 -22.02
C ARG A 513 -3.17 9.03 -20.83
N HIS A 514 -2.87 8.12 -19.86
CA HIS A 514 -2.22 8.56 -18.63
C HIS A 514 -0.84 7.92 -18.45
N VAL A 515 -0.64 6.72 -19.03
CA VAL A 515 0.64 6.06 -19.04
C VAL A 515 1.19 6.13 -20.47
N LEU A 516 2.07 7.13 -20.67
CA LEU A 516 2.63 7.45 -22.00
C LEU A 516 3.89 6.65 -22.29
N ASP A 517 4.64 6.30 -21.23
CA ASP A 517 5.71 5.34 -21.26
C ASP A 517 5.90 4.87 -19.81
N PHE A 518 6.96 4.05 -19.56
CA PHE A 518 7.26 3.56 -18.22
C PHE A 518 7.48 4.70 -17.22
N ASP A 519 8.07 5.82 -17.73
CA ASP A 519 8.57 6.97 -16.99
C ASP A 519 7.95 8.28 -17.49
N ARG A 520 6.73 8.24 -18.01
CA ARG A 520 6.11 9.48 -18.51
C ARG A 520 4.60 9.32 -18.41
N TYR A 521 3.93 10.32 -17.83
CA TYR A 521 2.51 10.20 -17.50
C TYR A 521 1.77 11.50 -17.84
N ASN A 522 0.45 11.41 -17.87
CA ASN A 522 -0.41 12.60 -17.75
C ASN A 522 -1.18 12.59 -16.42
N CYS A 523 -0.67 13.41 -15.47
CA CYS A 523 -1.19 13.67 -14.13
C CYS A 523 -2.15 14.88 -14.06
N ASN A 524 -2.65 15.36 -15.20
CA ASN A 524 -3.69 16.41 -15.21
C ASN A 524 -4.98 15.83 -14.63
N VAL A 525 -5.39 16.30 -13.46
CA VAL A 525 -6.52 15.74 -12.71
C VAL A 525 -7.84 15.86 -13.46
N GLU A 526 -8.12 17.00 -14.10
CA GLU A 526 -9.30 17.08 -14.96
C GLU A 526 -9.32 16.05 -16.10
N ALA A 527 -8.19 15.88 -16.81
CA ALA A 527 -8.06 14.84 -17.85
C ALA A 527 -8.35 13.45 -17.25
N PHE A 528 -7.72 13.16 -16.10
CA PHE A 528 -7.96 11.90 -15.39
C PHE A 528 -9.44 11.64 -15.08
N ARG A 529 -10.15 12.65 -14.52
CA ARG A 529 -11.57 12.53 -14.28
C ARG A 529 -12.36 12.25 -15.54
N ALA A 530 -11.98 12.84 -16.70
CA ALA A 530 -12.71 12.61 -17.94
C ALA A 530 -12.44 11.18 -18.42
N THR A 531 -11.20 10.69 -18.25
CA THR A 531 -10.91 9.27 -18.53
C THR A 531 -11.72 8.31 -17.64
N ARG A 532 -11.77 8.54 -16.32
CA ARG A 532 -12.55 7.71 -15.40
C ARG A 532 -13.99 7.62 -15.81
N LEU A 533 -14.59 8.80 -16.13
CA LEU A 533 -16.00 8.82 -16.51
C LEU A 533 -16.21 8.01 -17.78
N GLU A 534 -15.35 8.16 -18.78
CA GLU A 534 -15.52 7.37 -19.99
C GLU A 534 -15.42 5.86 -19.70
N LEU A 535 -14.48 5.45 -18.85
CA LEU A 535 -14.39 4.07 -18.44
C LEU A 535 -15.69 3.56 -17.81
N LEU A 536 -16.19 4.29 -16.81
CA LEU A 536 -17.44 3.98 -16.13
C LEU A 536 -18.63 3.93 -17.11
N GLU A 537 -18.70 4.89 -18.05
CA GLU A 537 -19.80 4.95 -19.04
C GLU A 537 -19.75 3.76 -19.99
N LEU A 538 -18.55 3.41 -20.49
CA LEU A 538 -18.36 2.28 -21.39
C LEU A 538 -18.74 0.96 -20.73
N LEU A 539 -18.47 0.83 -19.42
CA LEU A 539 -18.75 -0.42 -18.72
C LEU A 539 -20.20 -0.57 -18.20
N SER A 540 -20.93 0.54 -17.92
CA SER A 540 -22.25 0.53 -17.27
C SER A 540 -23.37 -0.01 -18.17
S SO4 B . 8.21 -18.35 -26.49
O1 SO4 B . 8.30 -17.09 -27.17
O2 SO4 B . 6.77 -18.70 -26.24
O3 SO4 B . 8.89 -19.38 -27.24
O4 SO4 B . 8.91 -18.22 -25.21
S SO4 C . -32.12 8.20 -9.13
O1 SO4 C . -32.76 8.24 -10.44
O2 SO4 C . -32.62 9.25 -8.24
O3 SO4 C . -32.48 6.91 -8.54
O4 SO4 C . -30.65 8.38 -9.35
S SO4 D . 14.85 1.78 13.44
O1 SO4 D . 14.89 3.27 13.67
O2 SO4 D . 13.72 1.33 12.62
O3 SO4 D . 14.77 1.14 14.74
O4 SO4 D . 16.05 1.39 12.77
#